data_3A40
#
_entry.id   3A40
#
_cell.length_a   44.969
_cell.length_b   51.496
_cell.length_c   131.910
_cell.angle_alpha   90.00
_cell.angle_beta   90.00
_cell.angle_gamma   90.00
#
_symmetry.space_group_name_H-M   'P 21 21 21'
#
loop_
_entity.id
_entity.type
_entity.pdbx_description
1 polymer 'Vitamin D3 receptor'
2 non-polymer (1S,2S,3R,5Z,7E,14beta,17alpha,23R)-23-(2-hydroxy-2-methylpropyl)-2-methyl-20,24-epoxy-9,10-secochola-5,7,10-triene-1,3-diol
3 non-polymer 'SULFATE ION'
4 water water
#
_entity_poly.entity_id   1
_entity_poly.type   'polypeptide(L)'
_entity_poly.pdbx_seq_one_letter_code
;GSHMDSLRPKLSEEQQRIIAILLDAHHKTYDPTYSDFCQFRPPVRVNDGGGSVTLELSQLSMLPHLADLVSYSIQKVIGF
AKMIPGFRDLTSEDQIVLLKSSAIEVIMLRSNESFTMDDMSWTCGNQDYKYRVSDVTKAGHSLELIEPLIKFQVGLKKLN
LHEEEHVLLMAICIVSPDRPGVQDAALIEAIQDRLSNTLQTYIRCRHPPPGSHLLYAKMIQKLADLRSLNEEHSKQYRCL
SFQPECSMKLTPLVLEVFGNEIS
;
_entity_poly.pdbx_strand_id   X
#
loop_
_chem_comp.id
_chem_comp.type
_chem_comp.name
_chem_comp.formula
23R non-polymer (1S,2S,3R,5Z,7E,14beta,17alpha,23R)-23-(2-hydroxy-2-methylpropyl)-2-methyl-20,24-epoxy-9,10-secochola-5,7,10-triene-1,3-diol 'C29 H46 O4'
SO4 non-polymer 'SULFATE ION' 'O4 S -2'
#
# COMPACT_ATOMS: atom_id res chain seq x y z
N ASP A 5 6.95 28.41 20.15
CA ASP A 5 8.25 28.87 19.60
C ASP A 5 8.34 28.42 18.14
N SER A 6 7.89 27.20 17.87
CA SER A 6 7.98 26.61 16.53
C SER A 6 7.46 27.54 15.43
N LEU A 7 8.33 27.86 14.48
CA LEU A 7 7.94 28.66 13.32
C LEU A 7 7.05 27.84 12.41
N ARG A 8 6.16 28.53 11.70
CA ARG A 8 5.24 27.89 10.78
C ARG A 8 5.35 28.53 9.41
N PRO A 9 6.45 28.22 8.68
CA PRO A 9 6.55 28.77 7.34
C PRO A 9 5.35 28.35 6.52
N LYS A 10 4.88 29.26 5.67
CA LYS A 10 3.76 28.97 4.79
C LYS A 10 4.22 27.99 3.73
N LEU A 11 3.30 27.18 3.21
CA LEU A 11 3.58 26.36 2.04
C LEU A 11 3.96 27.27 0.87
N SER A 12 5.06 26.95 0.19
CA SER A 12 5.46 27.68 -1.00
C SER A 12 4.49 27.42 -2.16
N GLU A 13 4.55 28.25 -3.19
CA GLU A 13 3.74 28.02 -4.38
C GLU A 13 4.01 26.64 -4.97
N GLU A 14 5.28 26.24 -4.99
CA GLU A 14 5.66 24.91 -5.48
C GLU A 14 5.07 23.80 -4.60
N GLN A 15 5.15 23.95 -3.28
CA GLN A 15 4.59 22.94 -2.37
C GLN A 15 3.09 22.79 -2.53
N GLN A 16 2.39 23.91 -2.72
CA GLN A 16 0.95 23.88 -3.01
CA GLN A 16 0.96 23.87 -2.99
C GLN A 16 0.66 23.11 -4.29
N ARG A 17 1.47 23.34 -5.31
CA ARG A 17 1.33 22.62 -6.59
C ARG A 17 1.59 21.13 -6.41
N ILE A 18 2.61 20.77 -5.63
CA ILE A 18 2.93 19.36 -5.38
C ILE A 18 1.73 18.67 -4.75
N ILE A 19 1.13 19.31 -3.75
CA ILE A 19 -0.05 18.76 -3.10
C ILE A 19 -1.22 18.59 -4.08
N ALA A 20 -1.47 19.61 -4.90
CA ALA A 20 -2.57 19.53 -5.86
C ALA A 20 -2.32 18.42 -6.85
N ILE A 21 -1.07 18.29 -7.30
CA ILE A 21 -0.71 17.24 -8.26
C ILE A 21 -0.94 15.85 -7.63
N LEU A 22 -0.53 15.66 -6.39
CA LEU A 22 -0.70 14.35 -5.76
C LEU A 22 -2.17 14.01 -5.46
N LEU A 23 -2.96 15.02 -5.09
CA LEU A 23 -4.39 14.78 -4.88
C LEU A 23 -5.03 14.38 -6.19
N ASP A 24 -4.71 15.11 -7.26
CA ASP A 24 -5.21 14.78 -8.59
C ASP A 24 -4.79 13.38 -9.04
N ALA A 25 -3.51 13.05 -8.85
CA ALA A 25 -3.02 11.71 -9.17
C ALA A 25 -3.79 10.62 -8.43
N HIS A 26 -4.02 10.82 -7.13
CA HIS A 26 -4.77 9.86 -6.35
C HIS A 26 -6.22 9.75 -6.83
N HIS A 27 -6.86 10.89 -7.09
CA HIS A 27 -8.25 10.86 -7.53
C HIS A 27 -8.43 10.19 -8.88
N LYS A 28 -7.39 10.23 -9.71
CA LYS A 28 -7.41 9.57 -11.01
C LYS A 28 -7.14 8.08 -10.92
N THR A 29 -6.51 7.63 -9.84
CA THR A 29 -6.03 6.23 -9.74
C THR A 29 -6.65 5.44 -8.59
N TYR A 30 -7.54 6.08 -7.82
CA TYR A 30 -8.25 5.40 -6.75
C TYR A 30 -9.73 5.66 -6.88
N ASP A 31 -10.48 4.65 -7.34
CA ASP A 31 -11.92 4.75 -7.51
C ASP A 31 -12.57 4.38 -6.18
N PRO A 32 -13.18 5.37 -5.49
CA PRO A 32 -13.67 5.09 -4.14
C PRO A 32 -15.00 4.33 -4.12
N THR A 33 -15.51 3.98 -5.31
CA THR A 33 -16.69 3.13 -5.40
C THR A 33 -16.36 1.67 -5.71
N TYR A 34 -15.09 1.39 -6.03
CA TYR A 34 -14.66 0.00 -6.27
C TYR A 34 -15.45 -0.64 -7.41
N SER A 35 -15.83 0.16 -8.40
CA SER A 35 -16.75 -0.28 -9.46
C SER A 35 -16.15 -1.26 -10.45
N ASP A 36 -14.82 -1.41 -10.46
CA ASP A 36 -14.17 -2.36 -11.36
C ASP A 36 -14.10 -3.77 -10.78
N PHE A 37 -14.44 -3.93 -9.51
CA PHE A 37 -14.14 -5.19 -8.82
C PHE A 37 -14.90 -6.39 -9.37
N CYS A 38 -16.06 -6.13 -9.98
CA CYS A 38 -16.82 -7.22 -10.60
C CYS A 38 -16.09 -7.85 -11.81
N GLN A 39 -15.07 -7.16 -12.32
CA GLN A 39 -14.28 -7.65 -13.45
C GLN A 39 -13.22 -8.66 -13.03
N PHE A 40 -12.92 -8.71 -11.73
CA PHE A 40 -11.91 -9.65 -11.23
C PHE A 40 -12.49 -11.06 -11.19
N ARG A 41 -11.60 -12.06 -11.15
CA ARG A 41 -12.08 -13.42 -10.89
C ARG A 41 -12.87 -13.43 -9.58
N PRO A 42 -13.96 -14.20 -9.51
CA PRO A 42 -14.87 -14.04 -8.38
C PRO A 42 -14.26 -14.50 -7.06
N PRO A 43 -14.64 -13.84 -5.95
CA PRO A 43 -14.24 -14.37 -4.64
C PRO A 43 -14.95 -15.68 -4.39
N VAL A 44 -14.26 -16.61 -3.74
CA VAL A 44 -14.86 -17.87 -3.31
C VAL A 44 -14.39 -18.08 -1.88
N ARG A 45 -15.32 -18.39 -0.98
CA ARG A 45 -14.97 -18.60 0.41
C ARG A 45 -15.34 -20.03 0.85
N VAL A 46 -14.35 -20.91 0.89
CA VAL A 46 -14.58 -22.29 1.35
C VAL A 46 -14.88 -22.29 2.84
N ASN A 47 -15.57 -23.34 3.31
CA ASN A 47 -15.83 -23.48 4.74
C ASN A 47 -14.55 -23.84 5.48
N ASP A 48 -14.07 -22.90 6.28
CA ASP A 48 -12.78 -23.05 6.96
C ASP A 48 -12.79 -22.40 8.35
N GLY A 49 -13.84 -22.65 9.12
CA GLY A 49 -13.93 -22.11 10.48
C GLY A 49 -12.77 -22.49 11.38
N GLY A 50 -12.16 -23.65 11.10
CA GLY A 50 -11.04 -24.13 11.90
C GLY A 50 -9.68 -23.55 11.54
N GLY A 51 -9.61 -22.80 10.44
CA GLY A 51 -8.34 -22.23 9.99
C GLY A 51 -7.32 -23.30 9.66
N SER A 52 -7.71 -24.27 8.85
CA SER A 52 -6.83 -25.37 8.43
C SER A 52 -5.89 -24.92 7.33
N VAL A 53 -4.60 -24.96 7.62
CA VAL A 53 -3.59 -24.60 6.63
C VAL A 53 -3.63 -25.55 5.43
N THR A 54 -3.79 -26.86 5.69
CA THR A 54 -3.89 -27.85 4.63
C THR A 54 -5.06 -27.52 3.71
N LEU A 55 -6.21 -27.21 4.28
CA LEU A 55 -7.37 -26.88 3.46
C LEU A 55 -7.16 -25.57 2.70
N GLU A 56 -6.62 -24.56 3.39
CA GLU A 56 -6.36 -23.26 2.75
C GLU A 56 -5.45 -23.40 1.54
N LEU A 57 -4.39 -24.19 1.68
CA LEU A 57 -3.45 -24.38 0.58
C LEU A 57 -4.02 -25.26 -0.51
N SER A 58 -4.82 -26.26 -0.14
CA SER A 58 -5.44 -27.15 -1.13
CA SER A 58 -5.45 -27.15 -1.12
C SER A 58 -6.38 -26.38 -2.06
N GLN A 59 -7.13 -25.43 -1.51
CA GLN A 59 -8.15 -24.69 -2.27
C GLN A 59 -7.71 -23.31 -2.77
N LEU A 60 -6.94 -22.61 -1.95
CA LEU A 60 -6.60 -21.21 -2.21
C LEU A 60 -7.79 -20.44 -2.79
N SER A 61 -8.93 -20.56 -2.11
CA SER A 61 -10.20 -20.14 -2.71
C SER A 61 -10.31 -18.65 -3.00
N MET A 62 -9.70 -17.84 -2.15
CA MET A 62 -9.71 -16.38 -2.32
C MET A 62 -8.52 -15.85 -3.10
N LEU A 63 -7.59 -16.72 -3.48
CA LEU A 63 -6.39 -16.24 -4.13
C LEU A 63 -6.62 -15.61 -5.50
N PRO A 64 -7.38 -16.26 -6.41
CA PRO A 64 -7.60 -15.59 -7.71
C PRO A 64 -8.19 -14.16 -7.58
N HIS A 65 -9.21 -14.00 -6.74
CA HIS A 65 -9.81 -12.69 -6.56
C HIS A 65 -8.84 -11.68 -5.93
N LEU A 66 -8.16 -12.09 -4.86
CA LEU A 66 -7.25 -11.16 -4.18
C LEU A 66 -6.00 -10.88 -5.00
N ALA A 67 -5.54 -11.85 -5.78
CA ALA A 67 -4.44 -11.59 -6.70
C ALA A 67 -4.85 -10.59 -7.78
N ASP A 68 -6.05 -10.74 -8.33
CA ASP A 68 -6.58 -9.77 -9.28
C ASP A 68 -6.69 -8.37 -8.67
N LEU A 69 -7.19 -8.32 -7.42
CA LEU A 69 -7.32 -7.05 -6.70
C LEU A 69 -5.94 -6.40 -6.49
N VAL A 70 -4.96 -7.19 -6.07
CA VAL A 70 -3.62 -6.66 -5.86
C VAL A 70 -2.99 -6.25 -7.18
N SER A 71 -3.17 -7.06 -8.21
CA SER A 71 -2.60 -6.77 -9.52
C SER A 71 -3.16 -5.44 -10.09
N TYR A 72 -4.48 -5.29 -10.02
CA TYR A 72 -5.16 -4.04 -10.38
C TYR A 72 -4.57 -2.86 -9.61
N SER A 73 -4.39 -3.07 -8.31
CA SER A 73 -3.89 -2.00 -7.46
C SER A 73 -2.44 -1.63 -7.80
N ILE A 74 -1.63 -2.62 -8.15
CA ILE A 74 -0.26 -2.34 -8.62
C ILE A 74 -0.28 -1.46 -9.88
N GLN A 75 -1.16 -1.79 -10.82
CA GLN A 75 -1.33 -0.95 -12.00
C GLN A 75 -1.66 0.48 -11.62
N LYS A 76 -2.58 0.64 -10.67
CA LYS A 76 -2.97 1.98 -10.23
C LYS A 76 -1.80 2.71 -9.56
N VAL A 77 -1.04 1.98 -8.74
CA VAL A 77 0.14 2.56 -8.07
C VAL A 77 1.21 3.00 -9.08
N ILE A 78 1.40 2.21 -10.14
CA ILE A 78 2.33 2.62 -11.21
C ILE A 78 1.88 3.96 -11.80
N GLY A 79 0.59 4.09 -12.10
CA GLY A 79 0.04 5.35 -12.63
C GLY A 79 0.22 6.51 -11.65
N PHE A 80 -0.02 6.26 -10.37
CA PHE A 80 0.13 7.29 -9.34
C PHE A 80 1.59 7.74 -9.26
N ALA A 81 2.50 6.76 -9.20
CA ALA A 81 3.94 7.07 -9.11
C ALA A 81 4.41 7.95 -10.25
N LYS A 82 3.92 7.67 -11.45
CA LYS A 82 4.35 8.40 -12.64
C LYS A 82 3.99 9.89 -12.58
N MET A 83 2.99 10.22 -11.75
CA MET A 83 2.59 11.62 -11.55
C MET A 83 3.26 12.29 -10.35
N ILE A 84 4.05 11.55 -9.57
CA ILE A 84 4.74 12.18 -8.44
C ILE A 84 5.76 13.16 -9.01
N PRO A 85 5.72 14.45 -8.59
CA PRO A 85 6.72 15.42 -9.07
C PRO A 85 8.16 14.93 -8.87
N GLY A 86 8.90 14.82 -9.97
CA GLY A 86 10.28 14.36 -9.92
C GLY A 86 10.48 12.91 -10.30
N PHE A 87 9.44 12.10 -10.16
CA PHE A 87 9.60 10.66 -10.42
C PHE A 87 10.12 10.37 -11.82
N ARG A 88 9.60 11.10 -12.80
CA ARG A 88 10.01 10.88 -14.18
C ARG A 88 11.41 11.44 -14.47
N ASP A 89 12.00 12.14 -13.52
CA ASP A 89 13.40 12.58 -13.65
C ASP A 89 14.36 11.41 -13.40
N LEU A 90 13.88 10.37 -12.74
CA LEU A 90 14.68 9.17 -12.51
C LEU A 90 14.84 8.35 -13.78
N THR A 91 15.92 7.55 -13.84
CA THR A 91 16.08 6.59 -14.92
C THR A 91 14.96 5.57 -14.86
N SER A 92 14.63 4.99 -16.01
CA SER A 92 13.62 3.93 -16.06
C SER A 92 13.98 2.81 -15.05
N GLU A 93 15.26 2.44 -15.02
CA GLU A 93 15.73 1.38 -14.14
C GLU A 93 15.44 1.68 -12.65
N ASP A 94 15.72 2.91 -12.23
CA ASP A 94 15.43 3.29 -10.84
C ASP A 94 13.91 3.35 -10.58
N GLN A 95 13.15 3.85 -11.55
CA GLN A 95 11.69 3.88 -11.42
C GLN A 95 11.15 2.49 -11.15
N ILE A 96 11.63 1.50 -11.91
CA ILE A 96 11.15 0.14 -11.77
C ILE A 96 11.60 -0.50 -10.44
N VAL A 97 12.84 -0.25 -10.03
CA VAL A 97 13.28 -0.75 -8.72
C VAL A 97 12.35 -0.20 -7.62
N LEU A 98 12.05 1.09 -7.66
CA LEU A 98 11.22 1.72 -6.65
C LEU A 98 9.79 1.18 -6.64
N LEU A 99 9.24 0.95 -7.82
CA LEU A 99 7.88 0.43 -7.94
C LEU A 99 7.77 -0.99 -7.42
N LYS A 100 8.71 -1.84 -7.83
CA LYS A 100 8.66 -3.23 -7.41
C LYS A 100 8.88 -3.38 -5.90
N SER A 101 9.77 -2.56 -5.34
CA SER A 101 10.06 -2.69 -3.92
C SER A 101 8.97 -2.10 -3.03
N SER A 102 8.24 -1.10 -3.51
CA SER A 102 7.23 -0.41 -2.69
C SER A 102 5.79 -0.88 -2.91
N ALA A 103 5.53 -1.58 -4.01
CA ALA A 103 4.15 -1.90 -4.41
C ALA A 103 3.28 -2.43 -3.26
N ILE A 104 3.75 -3.46 -2.56
CA ILE A 104 2.92 -4.06 -1.50
C ILE A 104 2.67 -3.06 -0.35
N GLU A 105 3.66 -2.22 -0.07
CA GLU A 105 3.54 -1.22 0.99
C GLU A 105 2.51 -0.16 0.61
N VAL A 106 2.55 0.28 -0.66
CA VAL A 106 1.59 1.29 -1.10
C VAL A 106 0.18 0.69 -1.16
N ILE A 107 0.08 -0.59 -1.53
CA ILE A 107 -1.21 -1.30 -1.45
C ILE A 107 -1.75 -1.28 -0.01
N MET A 108 -0.90 -1.62 0.95
CA MET A 108 -1.37 -1.65 2.34
C MET A 108 -1.78 -0.25 2.81
N LEU A 109 -0.99 0.76 2.44
CA LEU A 109 -1.31 2.17 2.78
CA LEU A 109 -1.32 2.13 2.80
C LEU A 109 -2.62 2.63 2.14
N ARG A 110 -2.73 2.46 0.82
CA ARG A 110 -3.89 2.98 0.11
C ARG A 110 -5.17 2.24 0.51
N SER A 111 -5.03 0.97 0.92
CA SER A 111 -6.19 0.20 1.36
C SER A 111 -6.80 0.75 2.64
N ASN A 112 -6.07 1.60 3.35
CA ASN A 112 -6.64 2.19 4.57
C ASN A 112 -7.93 2.95 4.28
N GLU A 113 -8.09 3.37 3.03
CA GLU A 113 -9.27 4.17 2.63
C GLU A 113 -10.53 3.29 2.61
N SER A 114 -10.39 2.00 2.31
CA SER A 114 -11.54 1.08 2.38
C SER A 114 -11.67 0.37 3.72
N PHE A 115 -10.57 0.28 4.48
CA PHE A 115 -10.61 -0.27 5.82
C PHE A 115 -11.56 0.53 6.70
N THR A 116 -12.28 -0.19 7.56
CA THR A 116 -13.16 0.46 8.52
C THR A 116 -13.08 -0.19 9.88
N MET A 117 -13.00 0.66 10.90
CA MET A 117 -13.02 0.17 12.27
C MET A 117 -14.43 -0.21 12.72
N ASP A 118 -15.43 0.00 11.87
CA ASP A 118 -16.80 -0.44 12.21
C ASP A 118 -16.81 -1.93 12.53
N ASP A 119 -16.12 -2.72 11.70
CA ASP A 119 -16.10 -4.18 11.87
C ASP A 119 -14.76 -4.77 11.47
N MET A 120 -13.73 -3.91 11.37
CA MET A 120 -12.37 -4.37 11.11
C MET A 120 -12.20 -5.09 9.76
N SER A 121 -12.90 -4.58 8.74
CA SER A 121 -12.84 -5.15 7.39
C SER A 121 -12.42 -4.08 6.39
N TRP A 122 -12.01 -4.53 5.21
CA TRP A 122 -11.90 -3.63 4.08
C TRP A 122 -13.23 -3.72 3.33
N THR A 123 -14.04 -2.67 3.43
CA THR A 123 -15.39 -2.71 2.90
C THR A 123 -15.45 -2.03 1.53
N CYS A 124 -15.55 -2.87 0.50
CA CYS A 124 -15.54 -2.39 -0.88
C CYS A 124 -16.86 -2.68 -1.61
N GLY A 125 -17.90 -2.92 -0.83
CA GLY A 125 -19.25 -2.94 -1.39
C GLY A 125 -20.10 -3.90 -0.61
N ASN A 126 -20.92 -4.63 -1.36
CA ASN A 126 -21.73 -5.69 -0.80
C ASN A 126 -20.85 -6.75 -0.13
N GLN A 127 -21.50 -7.71 0.51
CA GLN A 127 -20.86 -8.89 1.08
C GLN A 127 -19.72 -9.47 0.24
N ASP A 128 -19.89 -9.55 -1.08
CA ASP A 128 -18.89 -10.19 -1.95
C ASP A 128 -17.53 -9.51 -1.84
N TYR A 129 -17.54 -8.18 -1.81
CA TYR A 129 -16.33 -7.36 -1.78
C TYR A 129 -16.07 -6.74 -0.41
N LYS A 130 -16.47 -7.45 0.63
CA LYS A 130 -16.07 -7.10 1.99
C LYS A 130 -14.99 -8.11 2.36
N TYR A 131 -13.79 -7.62 2.67
CA TYR A 131 -12.65 -8.48 2.94
C TYR A 131 -12.27 -8.43 4.41
N ARG A 132 -12.13 -9.63 4.97
CA ARG A 132 -11.81 -9.81 6.38
C ARG A 132 -10.54 -10.61 6.54
N VAL A 133 -10.03 -10.69 7.75
CA VAL A 133 -8.80 -11.46 7.99
C VAL A 133 -8.96 -12.90 7.53
N SER A 134 -10.17 -13.45 7.63
CA SER A 134 -10.41 -14.83 7.20
C SER A 134 -10.26 -15.00 5.70
N ASP A 135 -10.44 -13.92 4.93
CA ASP A 135 -10.19 -14.00 3.48
C ASP A 135 -8.71 -14.07 3.16
N VAL A 136 -7.88 -13.41 3.98
CA VAL A 136 -6.45 -13.45 3.79
C VAL A 136 -5.93 -14.85 4.09
N THR A 137 -6.49 -15.47 5.13
CA THR A 137 -6.23 -16.85 5.50
CA THR A 137 -6.12 -16.85 5.44
C THR A 137 -6.53 -17.77 4.29
N LYS A 138 -7.66 -17.50 3.64
CA LYS A 138 -8.10 -18.29 2.48
C LYS A 138 -7.26 -18.06 1.21
N ALA A 139 -6.36 -17.07 1.26
CA ALA A 139 -5.40 -16.86 0.18
C ALA A 139 -4.01 -17.36 0.54
N GLY A 140 -3.92 -18.09 1.64
CA GLY A 140 -2.70 -18.83 1.99
C GLY A 140 -1.71 -18.11 2.88
N HIS A 141 -2.14 -17.02 3.52
CA HIS A 141 -1.29 -16.26 4.44
C HIS A 141 -1.64 -16.57 5.91
N SER A 142 -0.70 -16.25 6.79
CA SER A 142 -0.80 -16.66 8.19
C SER A 142 -0.83 -15.46 9.14
N LEU A 143 -1.04 -15.75 10.42
CA LEU A 143 -1.19 -14.72 11.45
C LEU A 143 0.01 -13.77 11.57
N GLU A 144 1.20 -14.27 11.31
CA GLU A 144 2.41 -13.45 11.39
C GLU A 144 2.35 -12.25 10.43
N LEU A 145 1.56 -12.36 9.36
CA LEU A 145 1.29 -11.20 8.49
C LEU A 145 0.01 -10.47 8.88
N ILE A 146 -1.04 -11.24 9.12
CA ILE A 146 -2.36 -10.68 9.40
C ILE A 146 -2.38 -9.81 10.66
N GLU A 147 -1.81 -10.30 11.75
CA GLU A 147 -1.80 -9.53 13.01
C GLU A 147 -1.18 -8.13 12.86
N PRO A 148 0.09 -8.05 12.42
CA PRO A 148 0.65 -6.71 12.24
C PRO A 148 -0.07 -5.89 11.16
N LEU A 149 -0.68 -6.54 10.18
CA LEU A 149 -1.39 -5.81 9.13
C LEU A 149 -2.61 -5.07 9.69
N ILE A 150 -3.42 -5.77 10.48
CA ILE A 150 -4.57 -5.15 11.13
C ILE A 150 -4.13 -4.07 12.14
N LYS A 151 -3.07 -4.35 12.90
CA LYS A 151 -2.55 -3.33 13.84
C LYS A 151 -2.16 -2.06 13.09
N PHE A 152 -1.50 -2.24 11.94
CA PHE A 152 -1.12 -1.12 11.08
C PHE A 152 -2.34 -0.34 10.59
N GLN A 153 -3.37 -1.05 10.10
CA GLN A 153 -4.56 -0.36 9.61
C GLN A 153 -5.22 0.51 10.67
N VAL A 154 -5.38 -0.04 11.87
CA VAL A 154 -5.99 0.70 12.97
C VAL A 154 -5.10 1.87 13.40
N GLY A 155 -3.80 1.65 13.54
CA GLY A 155 -2.86 2.72 13.92
C GLY A 155 -2.91 3.87 12.93
N LEU A 156 -2.97 3.54 11.65
CA LEU A 156 -3.02 4.54 10.62
C LEU A 156 -4.37 5.27 10.64
N LYS A 157 -5.45 4.54 10.87
CA LYS A 157 -6.78 5.17 11.01
C LYS A 157 -6.76 6.22 12.09
N LYS A 158 -6.19 5.87 13.23
CA LYS A 158 -6.23 6.73 14.40
C LYS A 158 -5.33 7.95 14.30
N LEU A 159 -4.50 8.02 13.25
CA LEU A 159 -3.78 9.25 12.96
C LEU A 159 -4.69 10.29 12.31
N ASN A 160 -5.85 9.86 11.77
CA ASN A 160 -6.82 10.77 11.18
C ASN A 160 -6.15 11.69 10.16
N LEU A 161 -5.40 11.12 9.24
CA LEU A 161 -4.70 11.92 8.25
C LEU A 161 -5.63 12.71 7.36
N HIS A 162 -5.20 13.92 7.03
CA HIS A 162 -5.84 14.66 5.94
C HIS A 162 -5.49 13.95 4.64
N GLU A 163 -6.33 14.08 3.62
CA GLU A 163 -6.02 13.42 2.35
C GLU A 163 -4.66 13.88 1.82
N GLU A 164 -4.34 15.16 2.03
CA GLU A 164 -3.05 15.73 1.63
C GLU A 164 -1.89 14.96 2.25
N GLU A 165 -2.04 14.61 3.54
CA GLU A 165 -1.01 13.86 4.26
C GLU A 165 -0.91 12.41 3.78
N HIS A 166 -2.07 11.82 3.51
CA HIS A 166 -2.16 10.45 3.01
C HIS A 166 -1.45 10.30 1.65
N VAL A 167 -1.71 11.22 0.73
CA VAL A 167 -1.08 11.11 -0.60
C VAL A 167 0.41 11.44 -0.57
N LEU A 168 0.80 12.38 0.28
CA LEU A 168 2.21 12.64 0.50
C LEU A 168 2.91 11.42 1.07
N LEU A 169 2.26 10.73 2.01
CA LEU A 169 2.89 9.54 2.62
C LEU A 169 3.10 8.43 1.57
N MET A 170 2.11 8.22 0.71
CA MET A 170 2.28 7.23 -0.37
C MET A 170 3.45 7.59 -1.27
N ALA A 171 3.53 8.87 -1.62
CA ALA A 171 4.62 9.33 -2.49
C ALA A 171 6.00 9.16 -1.84
N ILE A 172 6.08 9.48 -0.55
CA ILE A 172 7.33 9.34 0.19
C ILE A 172 7.74 7.87 0.29
N CYS A 173 6.73 7.00 0.46
CA CYS A 173 6.96 5.57 0.54
C CYS A 173 7.62 5.07 -0.74
N ILE A 174 7.09 5.50 -1.89
CA ILE A 174 7.59 5.07 -3.20
C ILE A 174 9.00 5.60 -3.48
N VAL A 175 9.21 6.88 -3.22
CA VAL A 175 10.48 7.52 -3.58
C VAL A 175 11.43 7.43 -2.38
N SER A 176 11.87 6.19 -2.12
CA SER A 176 12.75 5.91 -0.97
CA SER A 176 12.76 5.95 -0.99
C SER A 176 14.14 5.57 -1.49
N PRO A 177 15.18 6.32 -1.05
CA PRO A 177 16.51 6.05 -1.57
C PRO A 177 17.19 4.80 -1.00
N ASP A 178 16.64 4.21 0.07
CA ASP A 178 17.29 3.06 0.69
C ASP A 178 16.85 1.68 0.19
N ARG A 179 16.14 1.63 -0.94
CA ARG A 179 15.70 0.35 -1.52
C ARG A 179 16.88 -0.38 -2.17
N PRO A 180 16.96 -1.71 -2.00
CA PRO A 180 18.08 -2.38 -2.66
C PRO A 180 18.03 -2.26 -4.18
N GLY A 181 19.19 -2.07 -4.79
CA GLY A 181 19.29 -2.02 -6.26
C GLY A 181 19.20 -0.64 -6.88
N VAL A 182 18.89 0.39 -6.09
CA VAL A 182 18.81 1.75 -6.63
C VAL A 182 20.18 2.22 -7.10
N GLN A 183 20.20 2.97 -8.20
CA GLN A 183 21.45 3.47 -8.72
C GLN A 183 21.71 4.89 -8.21
N ASP A 184 20.81 5.82 -8.52
CA ASP A 184 21.01 7.23 -8.15
C ASP A 184 20.30 7.57 -6.85
N ALA A 185 20.84 7.05 -5.76
CA ALA A 185 20.27 7.29 -4.43
C ALA A 185 20.15 8.78 -4.11
N ALA A 186 21.13 9.58 -4.53
CA ALA A 186 21.10 11.00 -4.23
C ALA A 186 19.94 11.74 -4.88
N LEU A 187 19.64 11.39 -6.14
CA LEU A 187 18.51 12.00 -6.82
C LEU A 187 17.20 11.56 -6.20
N ILE A 188 17.10 10.28 -5.87
CA ILE A 188 15.90 9.76 -5.18
C ILE A 188 15.71 10.49 -3.86
N GLU A 189 16.80 10.67 -3.11
CA GLU A 189 16.74 11.41 -1.84
C GLU A 189 16.30 12.85 -2.03
N ALA A 190 16.74 13.50 -3.10
CA ALA A 190 16.36 14.88 -3.35
C ALA A 190 14.86 14.98 -3.64
N ILE A 191 14.33 14.05 -4.42
CA ILE A 191 12.90 14.02 -4.72
C ILE A 191 12.10 13.75 -3.43
N GLN A 192 12.57 12.79 -2.64
CA GLN A 192 11.90 12.47 -1.40
C GLN A 192 11.93 13.64 -0.42
N ASP A 193 13.07 14.31 -0.32
CA ASP A 193 13.18 15.45 0.59
C ASP A 193 12.22 16.56 0.22
N ARG A 194 12.03 16.79 -1.08
CA ARG A 194 11.08 17.81 -1.54
C ARG A 194 9.66 17.44 -1.06
N LEU A 195 9.34 16.14 -1.10
CA LEU A 195 8.05 15.65 -0.62
C LEU A 195 7.93 15.71 0.90
N SER A 196 8.99 15.29 1.59
CA SER A 196 9.03 15.29 3.06
CA SER A 196 9.01 15.29 3.05
C SER A 196 8.92 16.71 3.63
N ASN A 197 9.63 17.65 3.00
CA ASN A 197 9.53 19.04 3.40
C ASN A 197 8.12 19.58 3.20
N THR A 198 7.48 19.20 2.09
CA THR A 198 6.09 19.57 1.85
C THR A 198 5.20 19.06 2.98
N LEU A 199 5.36 17.78 3.36
CA LEU A 199 4.56 17.17 4.40
C LEU A 199 4.79 17.83 5.75
N GLN A 200 6.06 18.02 6.12
CA GLN A 200 6.38 18.64 7.40
C GLN A 200 5.78 20.06 7.49
N THR A 201 5.91 20.80 6.40
CA THR A 201 5.37 22.16 6.32
C THR A 201 3.85 22.15 6.41
N TYR A 202 3.22 21.25 5.63
CA TYR A 202 1.76 21.11 5.67
C TYR A 202 1.25 20.84 7.10
N ILE A 203 1.85 19.86 7.78
CA ILE A 203 1.42 19.50 9.13
C ILE A 203 1.49 20.69 10.07
N ARG A 204 2.61 21.40 10.03
CA ARG A 204 2.86 22.53 10.92
C ARG A 204 1.96 23.72 10.67
N CYS A 205 1.48 23.92 9.44
CA CYS A 205 0.65 25.09 9.18
C CYS A 205 -0.83 24.80 8.91
N ARG A 206 -1.18 23.53 8.63
CA ARG A 206 -2.55 23.19 8.22
C ARG A 206 -3.25 22.14 9.08
N HIS A 207 -2.50 21.45 9.95
CA HIS A 207 -3.10 20.41 10.78
C HIS A 207 -3.33 20.94 12.20
N PRO A 208 -4.62 21.06 12.62
CA PRO A 208 -4.91 21.60 13.96
C PRO A 208 -4.51 20.65 15.10
N PRO A 209 -4.24 21.20 16.31
CA PRO A 209 -3.93 20.37 17.46
C PRO A 209 -5.21 19.72 18.01
N PRO A 210 -5.08 18.63 18.81
CA PRO A 210 -3.85 17.94 19.20
C PRO A 210 -3.42 16.80 18.26
N GLY A 211 -4.19 16.55 17.21
CA GLY A 211 -3.86 15.51 16.23
C GLY A 211 -2.55 15.73 15.50
N SER A 212 -2.10 16.99 15.46
CA SER A 212 -0.84 17.37 14.82
C SER A 212 0.38 17.01 15.67
N HIS A 213 0.15 16.74 16.95
CA HIS A 213 1.26 16.52 17.89
C HIS A 213 2.14 15.34 17.48
N LEU A 214 3.39 15.64 17.16
CA LEU A 214 4.39 14.65 16.75
C LEU A 214 3.89 13.81 15.57
N LEU A 215 2.98 14.37 14.77
CA LEU A 215 2.36 13.63 13.68
C LEU A 215 3.37 13.17 12.64
N TYR A 216 4.32 14.03 12.27
CA TYR A 216 5.29 13.65 11.26
C TYR A 216 6.06 12.42 11.71
N ALA A 217 6.51 12.42 12.97
CA ALA A 217 7.26 11.28 13.50
C ALA A 217 6.41 10.01 13.49
N LYS A 218 5.11 10.13 13.80
CA LYS A 218 4.20 8.99 13.74
C LYS A 218 4.07 8.45 12.31
N MET A 219 4.05 9.35 11.34
CA MET A 219 3.94 8.93 9.93
C MET A 219 5.20 8.22 9.48
N ILE A 220 6.36 8.73 9.89
CA ILE A 220 7.65 8.09 9.61
C ILE A 220 7.70 6.69 10.22
N GLN A 221 7.17 6.54 11.43
CA GLN A 221 7.10 5.21 12.07
C GLN A 221 6.23 4.25 11.26
N LYS A 222 5.13 4.75 10.69
CA LYS A 222 4.30 3.90 9.83
C LYS A 222 5.06 3.41 8.59
N LEU A 223 5.97 4.23 8.05
CA LEU A 223 6.82 3.77 6.95
C LEU A 223 7.74 2.63 7.38
N ALA A 224 8.24 2.68 8.61
CA ALA A 224 9.05 1.61 9.14
C ALA A 224 8.20 0.33 9.30
N ASP A 225 6.97 0.50 9.81
CA ASP A 225 6.06 -0.62 9.99
C ASP A 225 5.84 -1.30 8.65
N LEU A 226 5.70 -0.51 7.60
CA LEU A 226 5.46 -1.04 6.25
C LEU A 226 6.63 -1.87 5.74
N ARG A 227 7.87 -1.48 6.06
CA ARG A 227 9.04 -2.29 5.71
C ARG A 227 8.95 -3.67 6.32
N SER A 228 8.52 -3.73 7.58
CA SER A 228 8.40 -5.00 8.27
C SER A 228 7.30 -5.85 7.64
N LEU A 229 6.17 -5.24 7.31
CA LEU A 229 5.07 -5.93 6.64
C LEU A 229 5.50 -6.47 5.27
N ASN A 230 6.30 -5.68 4.54
CA ASN A 230 6.83 -6.08 3.24
C ASN A 230 7.67 -7.35 3.37
N GLU A 231 8.60 -7.35 4.32
CA GLU A 231 9.47 -8.49 4.58
C GLU A 231 8.65 -9.73 4.91
N GLU A 232 7.65 -9.58 5.76
CA GLU A 232 6.81 -10.71 6.15
C GLU A 232 5.97 -11.20 4.99
N HIS A 233 5.40 -10.28 4.21
CA HIS A 233 4.64 -10.69 3.03
C HIS A 233 5.52 -11.48 2.07
N SER A 234 6.76 -11.02 1.89
CA SER A 234 7.66 -11.67 0.93
C SER A 234 7.95 -13.11 1.37
N LYS A 235 8.21 -13.28 2.67
CA LYS A 235 8.51 -14.60 3.21
CA LYS A 235 8.49 -14.60 3.22
C LYS A 235 7.34 -15.55 2.96
N GLN A 236 6.12 -15.08 3.20
CA GLN A 236 4.93 -15.90 3.02
C GLN A 236 4.54 -16.15 1.56
N TYR A 237 4.79 -15.17 0.71
CA TYR A 237 4.57 -15.33 -0.73
C TYR A 237 5.48 -16.44 -1.26
N ARG A 238 6.73 -16.45 -0.81
CA ARG A 238 7.69 -17.47 -1.22
C ARG A 238 7.15 -18.87 -0.96
N CYS A 239 6.58 -19.07 0.22
CA CYS A 239 6.03 -20.37 0.58
C CYS A 239 4.73 -20.68 -0.17
N LEU A 240 3.87 -19.67 -0.32
CA LEU A 240 2.68 -19.79 -1.15
C LEU A 240 3.04 -20.29 -2.56
N SER A 241 4.14 -19.76 -3.10
CA SER A 241 4.62 -20.08 -4.45
CA SER A 241 4.59 -20.10 -4.45
C SER A 241 4.96 -21.56 -4.62
N PHE A 242 5.22 -22.25 -3.51
CA PHE A 242 5.55 -23.68 -3.58
C PHE A 242 4.32 -24.53 -3.84
N GLN A 243 3.13 -23.94 -3.75
CA GLN A 243 1.92 -24.74 -3.94
C GLN A 243 1.73 -25.05 -5.42
N PRO A 244 1.66 -26.34 -5.78
CA PRO A 244 1.45 -26.65 -7.19
C PRO A 244 0.21 -25.94 -7.76
N GLU A 245 0.36 -25.38 -8.96
CA GLU A 245 -0.70 -24.66 -9.69
C GLU A 245 -0.96 -23.24 -9.16
N CYS A 246 -0.12 -22.76 -8.24
CA CYS A 246 -0.29 -21.42 -7.66
CA CYS A 246 -0.35 -21.44 -7.67
C CYS A 246 -0.23 -20.34 -8.72
N SER A 247 0.68 -20.51 -9.69
CA SER A 247 0.94 -19.45 -10.68
CA SER A 247 0.94 -19.47 -10.69
C SER A 247 -0.31 -19.07 -11.45
N MET A 248 -1.16 -20.05 -11.74
CA MET A 248 -2.41 -19.78 -12.47
C MET A 248 -3.39 -18.95 -11.66
N LYS A 249 -3.25 -18.99 -10.34
CA LYS A 249 -4.13 -18.22 -9.45
C LYS A 249 -3.63 -16.79 -9.25
N LEU A 250 -2.42 -16.51 -9.71
CA LEU A 250 -1.84 -15.18 -9.60
C LEU A 250 -2.01 -14.46 -10.94
N THR A 251 -1.19 -13.43 -11.19
CA THR A 251 -1.15 -12.76 -12.50
C THR A 251 0.30 -12.55 -12.90
N PRO A 252 0.57 -12.34 -14.20
CA PRO A 252 1.96 -12.07 -14.58
C PRO A 252 2.59 -10.90 -13.83
N LEU A 253 1.83 -9.83 -13.57
CA LEU A 253 2.38 -8.69 -12.84
C LEU A 253 2.71 -9.07 -11.39
N VAL A 254 1.79 -9.79 -10.75
CA VAL A 254 2.04 -10.23 -9.36
C VAL A 254 3.25 -11.17 -9.27
N LEU A 255 3.32 -12.10 -10.23
CA LEU A 255 4.46 -13.02 -10.32
C LEU A 255 5.80 -12.28 -10.44
N GLU A 256 5.82 -11.24 -11.27
CA GLU A 256 7.05 -10.47 -11.42
C GLU A 256 7.43 -9.68 -10.17
N VAL A 257 6.46 -8.95 -9.62
CA VAL A 257 6.74 -8.08 -8.50
C VAL A 257 7.20 -8.87 -7.27
N PHE A 258 6.58 -10.02 -7.01
CA PHE A 258 6.89 -10.78 -5.80
C PHE A 258 7.80 -12.00 -5.97
N GLY A 259 8.03 -12.41 -7.22
CA GLY A 259 8.87 -13.59 -7.49
C GLY A 259 10.33 -13.24 -7.70
O3 23R B . -8.76 0.01 -0.85
C3 23R B . -9.02 -0.76 -2.04
C2 23R B . -7.88 -0.55 -3.04
C29 23R B . -8.26 -1.09 -4.44
C1 23R B . -6.56 -1.11 -2.48
O1 23R B . -5.51 -0.95 -3.44
C10 23R B . -6.72 -2.54 -2.03
C19 23R B . -5.86 -3.50 -2.39
C4 23R B . -9.19 -2.23 -1.67
C5 23R B . -7.90 -2.86 -1.23
C6 23R B . -7.91 -3.71 -0.17
C7 23R B . -6.76 -4.38 0.42
C8 23R B . -6.81 -5.52 1.16
C9 23R B . -8.07 -6.32 1.41
C11 23R B . -7.82 -7.77 0.94
C12 23R B . -6.50 -8.40 1.42
C14 23R B . -5.57 -6.14 1.76
C13 23R B . -5.30 -7.51 1.11
C18 23R B . -5.11 -7.41 -0.41
C15 23R B . -4.24 -5.39 1.71
C16 23R B . -3.21 -6.52 1.85
C17 23R B . -3.99 -7.86 1.84
C20 23R B . -3.18 -9.12 1.45
C22 23R B . -2.35 -8.95 0.17
C21 23R B . -2.26 -9.49 2.61
O20 23R B . -4.10 -10.19 1.18
C24 23R B . -3.51 -11.09 0.25
C23 23R B . -2.54 -10.24 -0.58
C25 23R B . -1.15 -10.88 -0.77
C26 23R B . -1.00 -11.95 -1.84
C28 23R B . -0.95 -11.36 -3.24
C27 23R B . -2.01 -13.07 -1.74
O26 23R B . 0.29 -12.51 -1.59
S SO4 C . 3.13 -23.56 -10.63
O1 SO4 C . 3.71 -22.37 -10.00
O2 SO4 C . 1.74 -23.20 -10.95
O3 SO4 C . 3.79 -23.90 -11.89
O4 SO4 C . 3.16 -24.67 -9.69
S SO4 D . -13.50 4.35 9.62
O1 SO4 D . -13.99 5.43 10.49
O2 SO4 D . -14.65 3.67 9.01
O3 SO4 D . -12.74 4.96 8.52
O4 SO4 D . -12.67 3.43 10.39
#